data_3V5Q
#
_entry.id   3V5Q
#
_cell.length_a   65.580
_cell.length_b   65.580
_cell.length_c   177.252
_cell.angle_alpha   90.000
_cell.angle_beta   90.000
_cell.angle_gamma   120.000
#
_symmetry.space_group_name_H-M   'P 32'
#
loop_
_entity.id
_entity.type
_entity.pdbx_description
1 polymer 'NT-3 growth factor receptor'
2 non-polymer 'CHLORIDE ION'
3 non-polymer 1-(3-{[(3Z)-2-oxo-3-(1H-pyrrol-2-ylmethylidene)-2,3-dihydro-1H-indol-6-yl]amino}phenyl)-3-[3-(trifluoromethyl)phenyl]urea
4 water water
#
_entity_poly.entity_id   1
_entity_poly.type   'polypeptide(L)'
_entity_poly.pdbx_seq_one_letter_code
;GAMHSGIHVQHIKRRDIVLKRELGEGAFGKVFLAECYNLSPTKDKMLVAVKALKDPTLAARKDFQREAELLTNLQHEHIV
KFYGVCGDGDPLIMVFEYMKHGDLNKFLRAHGPDAMILVDGQPRQAKGELGLSQMLHIASQIASGMVYLASQHFVHRDLA
TRNCLVGANLLVKIGDFGMSRDVYSTDYYRVGGHTMLPIRWMPPESIMYRKFTTESDVWSFGVILWEIFTYGKQPWFQLS
NTEVIECITQGRVLERPRVCPKEVYDVMLGCWQREPQQRLNIKEIYKILHALGKATP
;
_entity_poly.pdbx_strand_id   A,B
#
# COMPACT_ATOMS: atom_id res chain seq x y z
N GLY A 6 -18.37 19.61 29.06
CA GLY A 6 -18.26 19.41 27.63
C GLY A 6 -18.49 20.68 26.85
N ILE A 7 -18.11 20.63 25.58
CA ILE A 7 -18.37 21.66 24.61
C ILE A 7 -19.86 21.73 24.28
N HIS A 8 -20.42 22.92 24.39
CA HIS A 8 -21.79 23.12 23.97
C HIS A 8 -21.82 23.53 22.51
N VAL A 9 -22.33 22.65 21.66
CA VAL A 9 -22.51 22.95 20.24
C VAL A 9 -23.71 23.86 20.07
N GLN A 10 -23.62 24.81 19.13
CA GLN A 10 -24.74 25.69 18.87
C GLN A 10 -25.88 24.91 18.18
N HIS A 11 -27.09 25.03 18.71
CA HIS A 11 -28.23 24.33 18.11
C HIS A 11 -29.05 25.30 17.26
N ILE A 12 -29.45 24.82 16.09
CA ILE A 12 -30.25 25.61 15.17
C ILE A 12 -31.56 24.90 15.01
N LYS A 13 -32.66 25.64 15.11
CA LYS A 13 -33.98 25.02 14.98
C LYS A 13 -34.18 24.55 13.56
N ARG A 14 -34.69 23.33 13.39
CA ARG A 14 -34.95 22.78 12.05
C ARG A 14 -35.87 23.71 11.28
N ARG A 15 -36.77 24.38 12.01
CA ARG A 15 -37.70 25.27 11.33
C ARG A 15 -37.02 26.56 10.88
N ASP A 16 -35.82 26.82 11.37
CA ASP A 16 -35.11 28.03 10.95
C ASP A 16 -34.32 27.81 9.65
N ILE A 17 -34.33 26.56 9.18
CA ILE A 17 -33.67 26.23 7.92
C ILE A 17 -34.71 26.02 6.83
N VAL A 18 -34.53 26.70 5.70
CA VAL A 18 -35.37 26.49 4.54
C VAL A 18 -34.52 25.95 3.41
N LEU A 19 -34.68 24.67 3.10
CA LEU A 19 -33.88 24.04 2.05
C LEU A 19 -34.22 24.66 0.71
N LYS A 20 -33.21 24.81 -0.16
CA LYS A 20 -33.42 25.44 -1.46
C LYS A 20 -32.99 24.57 -2.63
N ARG A 21 -31.93 23.78 -2.42
CA ARG A 21 -31.20 23.27 -3.57
C ARG A 21 -30.09 22.34 -3.13
N GLU A 22 -29.93 21.22 -3.84
CA GLU A 22 -28.83 20.30 -3.60
C GLU A 22 -27.53 20.89 -4.15
N LEU A 23 -26.52 20.95 -3.28
CA LEU A 23 -25.22 21.49 -3.63
C LEU A 23 -24.24 20.37 -3.95
N LYS A 30 -25.01 15.60 -1.04
CA LYS A 30 -25.52 15.38 0.32
C LYS A 30 -25.57 16.68 1.11
N VAL A 31 -25.33 17.78 0.41
CA VAL A 31 -25.33 19.10 1.02
C VAL A 31 -26.37 19.98 0.37
N PHE A 32 -27.05 20.80 1.16
CA PHE A 32 -28.06 21.69 0.63
C PHE A 32 -27.73 23.15 0.84
N LEU A 33 -27.96 23.95 -0.19
CA LEU A 33 -28.04 25.39 -0.02
C LEU A 33 -29.31 25.65 0.79
N ALA A 34 -29.25 26.57 1.73
CA ALA A 34 -30.45 26.86 2.50
C ALA A 34 -30.47 28.30 2.97
N GLU A 35 -31.66 28.78 3.28
CA GLU A 35 -31.79 30.05 3.98
C GLU A 35 -31.88 29.70 5.45
N CYS A 36 -31.28 30.52 6.29
CA CYS A 36 -31.34 30.22 7.71
C CYS A 36 -31.72 31.46 8.49
N TYR A 37 -32.72 31.32 9.33
CA TYR A 37 -33.24 32.45 10.09
C TYR A 37 -32.72 32.38 11.52
N ASN A 38 -32.81 33.49 12.24
CA ASN A 38 -32.34 33.55 13.63
C ASN A 38 -30.88 33.14 13.76
N LEU A 39 -30.03 33.71 12.91
CA LEU A 39 -28.63 33.33 12.90
C LEU A 39 -27.76 34.57 12.76
N SER A 40 -27.88 35.20 11.61
CA SER A 40 -27.19 36.47 11.33
C SER A 40 -27.64 37.54 12.32
N PRO A 41 -26.67 38.27 12.90
CA PRO A 41 -26.98 39.39 13.79
C PRO A 41 -27.76 40.44 13.01
N THR A 42 -27.23 40.81 11.85
CA THR A 42 -27.92 41.72 10.95
C THR A 42 -29.07 41.04 10.19
N LYS A 43 -28.81 40.60 8.96
CA LYS A 43 -29.86 40.22 8.00
C LYS A 43 -30.83 39.15 8.51
N ASP A 44 -32.11 39.32 8.18
CA ASP A 44 -33.19 38.44 8.63
C ASP A 44 -32.95 36.97 8.27
N LYS A 45 -32.45 36.74 7.06
CA LYS A 45 -32.00 35.41 6.70
C LYS A 45 -30.66 35.47 5.98
N MET A 46 -29.93 34.36 6.02
CA MET A 46 -28.67 34.30 5.30
C MET A 46 -28.50 32.91 4.69
N LEU A 47 -27.90 32.88 3.50
CA LEU A 47 -27.61 31.61 2.86
C LEU A 47 -26.63 30.79 3.68
N VAL A 48 -26.90 29.49 3.78
CA VAL A 48 -26.00 28.55 4.42
C VAL A 48 -25.89 27.26 3.62
N ALA A 49 -24.88 26.45 3.95
CA ALA A 49 -24.78 25.13 3.38
C ALA A 49 -25.16 24.14 4.46
N VAL A 50 -25.97 23.15 4.12
CA VAL A 50 -26.49 22.23 5.11
C VAL A 50 -26.10 20.79 4.75
N LYS A 51 -25.56 20.04 5.72
CA LYS A 51 -25.21 18.64 5.49
C LYS A 51 -26.03 17.74 6.41
N ALA A 52 -26.59 16.69 5.82
CA ALA A 52 -27.41 15.77 6.58
C ALA A 52 -26.95 14.34 6.33
N LEU A 53 -27.13 13.48 7.32
CA LEU A 53 -27.06 12.03 7.08
C LEU A 53 -28.35 11.34 7.49
N PRO A 56 -26.96 7.56 9.46
CA PRO A 56 -27.67 7.50 10.73
C PRO A 56 -27.15 6.37 11.59
N THR A 57 -26.00 5.82 11.21
CA THR A 57 -25.49 4.58 11.80
C THR A 57 -24.86 4.74 13.19
N LEU A 58 -24.28 3.65 13.69
CA LEU A 58 -23.72 3.57 15.04
C LEU A 58 -22.59 4.59 15.30
N ALA A 59 -21.47 4.42 14.59
CA ALA A 59 -20.33 5.32 14.72
C ALA A 59 -20.43 6.42 13.67
N ALA A 60 -21.66 6.74 13.31
CA ALA A 60 -21.93 7.88 12.47
C ALA A 60 -22.37 8.94 13.46
N ARG A 61 -23.34 8.56 14.27
CA ARG A 61 -23.94 9.46 15.25
C ARG A 61 -22.91 9.92 16.29
N LYS A 62 -22.00 9.03 16.67
CA LYS A 62 -20.95 9.37 17.63
C LYS A 62 -19.90 10.26 16.98
N ASP A 63 -19.51 9.91 15.75
CA ASP A 63 -18.57 10.71 14.99
C ASP A 63 -19.12 12.11 14.70
N PHE A 64 -20.42 12.17 14.44
CA PHE A 64 -21.09 13.41 14.14
C PHE A 64 -21.01 14.39 15.32
N GLN A 65 -21.32 13.90 16.51
CA GLN A 65 -21.34 14.75 17.68
C GLN A 65 -19.92 15.24 17.98
N ARG A 66 -18.97 14.33 17.92
CA ARG A 66 -17.57 14.70 18.12
C ARG A 66 -17.11 15.76 17.13
N GLU A 67 -17.44 15.57 15.85
CA GLU A 67 -17.08 16.53 14.82
C GLU A 67 -17.71 17.90 15.09
N ALA A 68 -18.95 17.90 15.58
CA ALA A 68 -19.62 19.17 15.87
C ALA A 68 -18.92 19.89 17.01
N GLU A 69 -18.54 19.13 18.03
CA GLU A 69 -17.83 19.70 19.16
C GLU A 69 -16.49 20.29 18.72
N LEU A 70 -15.76 19.53 17.90
CA LEU A 70 -14.51 19.97 17.30
C LEU A 70 -14.72 21.29 16.55
N LEU A 71 -15.66 21.28 15.61
CA LEU A 71 -15.87 22.40 14.71
C LEU A 71 -16.42 23.61 15.44
N THR A 72 -17.00 23.38 16.61
CA THR A 72 -17.48 24.47 17.43
C THR A 72 -16.32 25.41 17.80
N ASN A 73 -15.14 24.85 18.03
CA ASN A 73 -14.00 25.71 18.36
C ASN A 73 -12.91 25.74 17.31
N LEU A 74 -12.96 24.81 16.38
CA LEU A 74 -11.95 24.78 15.36
C LEU A 74 -12.36 25.79 14.28
N GLN A 75 -12.11 27.07 14.56
CA GLN A 75 -12.71 28.20 13.84
C GLN A 75 -11.68 29.31 13.51
N HIS A 76 -11.69 29.77 12.26
CA HIS A 76 -10.65 30.67 11.78
C HIS A 76 -11.02 31.22 10.41
N GLU A 77 -10.48 32.37 10.06
CA GLU A 77 -10.83 33.05 8.82
C GLU A 77 -10.74 32.16 7.59
N HIS A 78 -9.83 31.19 7.64
CA HIS A 78 -9.62 30.34 6.48
C HIS A 78 -9.98 28.88 6.67
N ILE A 79 -10.82 28.66 7.66
CA ILE A 79 -11.53 27.41 7.88
C ILE A 79 -13.01 27.64 7.57
N VAL A 80 -13.65 26.72 6.86
CA VAL A 80 -15.09 26.79 6.62
C VAL A 80 -15.85 27.02 7.92
N LYS A 81 -16.63 28.09 7.96
CA LYS A 81 -17.37 28.43 9.15
C LYS A 81 -18.44 27.36 9.42
N PHE A 82 -18.44 26.88 10.65
CA PHE A 82 -19.44 25.94 11.10
C PHE A 82 -20.38 26.69 12.03
N TYR A 83 -21.66 26.69 11.71
CA TYR A 83 -22.64 27.45 12.49
C TYR A 83 -23.24 26.67 13.66
N GLY A 84 -23.33 25.35 13.53
CA GLY A 84 -23.95 24.55 14.57
C GLY A 84 -24.68 23.35 14.00
N VAL A 85 -25.40 22.65 14.88
CA VAL A 85 -26.19 21.52 14.44
C VAL A 85 -27.67 21.86 14.49
N CYS A 86 -28.44 21.10 13.74
CA CYS A 86 -29.79 21.50 13.45
C CYS A 86 -30.76 20.42 13.86
N GLY A 87 -31.80 20.85 14.56
CA GLY A 87 -32.84 19.95 15.04
C GLY A 87 -32.43 19.06 16.18
N ASP A 88 -33.17 17.96 16.34
CA ASP A 88 -33.01 17.06 17.48
C ASP A 88 -32.59 15.63 17.14
N GLY A 89 -32.09 15.40 15.92
CA GLY A 89 -31.58 14.07 15.60
C GLY A 89 -32.00 13.35 14.34
N ASP A 90 -33.23 13.55 13.86
CA ASP A 90 -33.70 12.80 12.68
C ASP A 90 -34.10 13.72 11.53
N PRO A 91 -33.16 13.99 10.61
CA PRO A 91 -31.80 13.45 10.58
C PRO A 91 -30.78 14.37 11.28
N LEU A 92 -29.54 13.89 11.31
CA LEU A 92 -28.42 14.65 11.88
C LEU A 92 -27.98 15.71 10.88
N ILE A 93 -28.01 16.97 11.30
CA ILE A 93 -27.74 18.08 10.39
C ILE A 93 -26.71 19.08 10.92
N MET A 94 -25.67 19.33 10.12
CA MET A 94 -24.71 20.37 10.43
C MET A 94 -24.87 21.57 9.52
N VAL A 95 -24.73 22.75 10.08
CA VAL A 95 -24.90 23.97 9.31
C VAL A 95 -23.59 24.74 9.15
N PHE A 96 -23.17 24.88 7.89
CA PHE A 96 -21.92 25.50 7.48
C PHE A 96 -22.18 26.74 6.63
N GLU A 97 -21.17 27.60 6.50
CA GLU A 97 -21.32 28.78 5.68
C GLU A 97 -21.48 28.41 4.20
N TYR A 98 -22.08 29.32 3.45
CA TYR A 98 -22.21 29.14 2.02
C TYR A 98 -21.06 29.87 1.32
N MET A 99 -20.40 29.14 0.42
CA MET A 99 -19.28 29.65 -0.35
C MET A 99 -19.67 29.51 -1.81
N LYS A 100 -19.98 30.64 -2.43
CA LYS A 100 -20.68 30.63 -3.71
C LYS A 100 -19.91 30.01 -4.86
N HIS A 101 -18.59 29.94 -4.76
CA HIS A 101 -17.83 29.44 -5.88
C HIS A 101 -17.45 27.95 -5.83
N GLY A 102 -17.92 27.25 -4.82
CA GLY A 102 -17.82 25.80 -4.84
C GLY A 102 -16.42 25.35 -4.51
N ASP A 103 -16.06 24.10 -4.83
CA ASP A 103 -14.76 23.65 -4.36
C ASP A 103 -13.62 24.14 -5.25
N LEU A 104 -12.49 24.41 -4.60
CA LEU A 104 -11.33 24.98 -5.25
C LEU A 104 -10.83 24.15 -6.41
N ASN A 105 -10.79 22.83 -6.24
CA ASN A 105 -10.35 21.93 -7.31
C ASN A 105 -11.12 22.24 -8.59
N LYS A 106 -12.45 22.24 -8.48
CA LYS A 106 -13.31 22.47 -9.64
C LYS A 106 -13.11 23.89 -10.19
N PHE A 107 -13.00 24.84 -9.27
CA PHE A 107 -12.82 26.24 -9.61
C PHE A 107 -11.49 26.47 -10.36
N LEU A 108 -10.43 25.81 -9.90
CA LEU A 108 -9.12 25.90 -10.54
C LEU A 108 -9.25 25.41 -11.96
N ARG A 109 -9.83 24.23 -12.11
CA ARG A 109 -10.01 23.60 -13.40
C ARG A 109 -10.84 24.43 -14.37
N ALA A 110 -11.75 25.25 -13.85
CA ALA A 110 -12.64 26.02 -14.72
C ALA A 110 -12.06 27.40 -15.00
N HIS A 111 -10.97 27.71 -14.30
CA HIS A 111 -10.28 28.98 -14.49
C HIS A 111 -8.89 28.71 -15.10
N GLY A 112 -8.81 27.65 -15.88
CA GLY A 112 -7.55 27.23 -16.48
C GLY A 112 -7.50 27.39 -17.99
N PRO A 113 -6.29 27.52 -18.53
CA PRO A 113 -5.90 28.21 -19.78
C PRO A 113 -7.07 28.63 -20.67
N GLU A 129 -6.58 31.73 -17.18
CA GLU A 129 -7.35 32.83 -16.60
C GLU A 129 -6.82 33.32 -15.23
N LEU A 130 -6.51 32.39 -14.33
CA LEU A 130 -5.95 32.79 -13.03
C LEU A 130 -4.51 33.27 -13.19
N GLY A 131 -4.21 34.45 -12.66
CA GLY A 131 -2.86 34.96 -12.74
C GLY A 131 -2.06 34.67 -11.49
N LEU A 132 -0.79 35.06 -11.50
CA LEU A 132 0.13 34.74 -10.42
C LEU A 132 -0.35 35.26 -9.08
N SER A 133 -0.74 36.54 -9.04
CA SER A 133 -1.15 37.16 -7.79
C SER A 133 -2.34 36.43 -7.15
N GLN A 134 -3.23 35.94 -7.99
CA GLN A 134 -4.41 35.23 -7.50
C GLN A 134 -4.04 33.87 -6.94
N MET A 135 -3.19 33.15 -7.65
CA MET A 135 -2.76 31.84 -7.21
C MET A 135 -2.02 31.91 -5.87
N LEU A 136 -1.20 32.94 -5.71
CA LEU A 136 -0.52 33.18 -4.44
C LEU A 136 -1.52 33.48 -3.35
N HIS A 137 -2.52 34.29 -3.67
CA HIS A 137 -3.55 34.65 -2.72
C HIS A 137 -4.34 33.41 -2.31
N ILE A 138 -4.61 32.53 -3.26
CA ILE A 138 -5.26 31.26 -2.93
C ILE A 138 -4.36 30.46 -2.01
N ALA A 139 -3.12 30.25 -2.45
CA ALA A 139 -2.16 29.41 -1.73
C ALA A 139 -1.90 29.95 -0.34
N SER A 140 -1.82 31.27 -0.24
CA SER A 140 -1.47 31.88 1.04
C SER A 140 -2.61 31.75 2.03
N GLN A 141 -3.85 31.89 1.54
CA GLN A 141 -5.01 31.68 2.39
C GLN A 141 -5.05 30.26 2.97
N ILE A 142 -4.80 29.27 2.11
CA ILE A 142 -4.75 27.88 2.55
C ILE A 142 -3.65 27.68 3.60
N ALA A 143 -2.45 28.22 3.33
CA ALA A 143 -1.37 28.15 4.34
C ALA A 143 -1.83 28.78 5.65
N SER A 144 -2.53 29.92 5.53
CA SER A 144 -3.07 30.58 6.72
C SER A 144 -4.00 29.67 7.53
N GLY A 145 -4.91 28.99 6.85
CA GLY A 145 -5.76 28.02 7.53
C GLY A 145 -4.92 26.93 8.19
N MET A 146 -3.90 26.46 7.48
CA MET A 146 -3.01 25.41 8.03
C MET A 146 -2.18 25.91 9.21
N VAL A 147 -1.82 27.19 9.21
CA VAL A 147 -1.13 27.71 10.39
C VAL A 147 -2.07 27.59 11.59
N TYR A 148 -3.32 28.03 11.41
CA TYR A 148 -4.28 27.89 12.49
C TYR A 148 -4.46 26.42 12.86
N LEU A 149 -4.51 25.55 11.86
CA LEU A 149 -4.72 24.14 12.11
C LEU A 149 -3.57 23.56 12.94
N ALA A 150 -2.36 23.89 12.57
CA ALA A 150 -1.19 23.45 13.35
C ALA A 150 -1.19 23.99 14.79
N SER A 151 -1.60 25.24 14.98
CA SER A 151 -1.63 25.85 16.31
C SER A 151 -2.61 25.08 17.20
N GLN A 152 -3.61 24.48 16.56
CA GLN A 152 -4.60 23.68 17.28
C GLN A 152 -4.21 22.21 17.35
N HIS A 153 -2.98 21.90 16.94
CA HIS A 153 -2.50 20.52 16.93
C HIS A 153 -3.43 19.61 16.17
N PHE A 154 -4.01 20.13 15.09
CA PHE A 154 -4.94 19.35 14.32
C PHE A 154 -4.27 18.83 13.07
N VAL A 155 -4.31 17.52 12.89
CA VAL A 155 -3.74 16.89 11.68
C VAL A 155 -4.91 16.54 10.78
N HIS A 156 -4.88 17.10 9.58
CA HIS A 156 -6.02 17.08 8.68
C HIS A 156 -6.07 15.76 7.91
N ARG A 157 -4.92 15.38 7.36
CA ARG A 157 -4.71 14.06 6.74
C ARG A 157 -5.22 13.97 5.29
N ASP A 158 -6.11 14.89 4.90
CA ASP A 158 -6.64 14.89 3.53
C ASP A 158 -6.63 16.28 2.91
N LEU A 159 -5.52 16.99 3.06
CA LEU A 159 -5.45 18.33 2.47
C LEU A 159 -5.23 18.26 0.96
N ALA A 160 -6.07 18.97 0.22
CA ALA A 160 -6.05 19.01 -1.25
C ALA A 160 -7.07 20.04 -1.65
N THR A 161 -6.96 20.54 -2.89
CA THR A 161 -7.85 21.61 -3.33
C THR A 161 -9.31 21.17 -3.37
N ARG A 162 -9.53 19.87 -3.62
CA ARG A 162 -10.89 19.34 -3.57
C ARG A 162 -11.51 19.55 -2.19
N ASN A 163 -10.67 19.80 -1.17
CA ASN A 163 -11.21 20.06 0.17
C ASN A 163 -11.20 21.52 0.59
N CYS A 164 -11.04 22.42 -0.38
CA CYS A 164 -11.21 23.83 -0.10
C CYS A 164 -12.44 24.39 -0.81
N LEU A 165 -13.02 25.43 -0.23
CA LEU A 165 -14.11 26.15 -0.87
C LEU A 165 -13.68 27.58 -1.20
N VAL A 166 -14.33 28.13 -2.22
CA VAL A 166 -14.02 29.45 -2.74
C VAL A 166 -15.26 30.33 -2.59
N GLY A 167 -15.10 31.49 -1.95
CA GLY A 167 -16.20 32.39 -1.71
C GLY A 167 -16.18 33.58 -2.66
N ALA A 168 -16.81 34.68 -2.25
CA ALA A 168 -16.72 35.94 -2.98
C ALA A 168 -15.27 36.43 -3.01
N ASN A 169 -14.88 37.09 -4.11
CA ASN A 169 -13.56 37.71 -4.19
C ASN A 169 -12.40 36.78 -3.89
N LEU A 170 -12.43 35.56 -4.42
CA LEU A 170 -11.39 34.58 -4.21
C LEU A 170 -11.10 34.25 -2.74
N LEU A 171 -12.09 34.39 -1.88
CA LEU A 171 -12.00 33.96 -0.50
C LEU A 171 -11.85 32.44 -0.49
N VAL A 172 -10.85 31.94 0.23
CA VAL A 172 -10.58 30.51 0.26
C VAL A 172 -10.55 29.94 1.67
N LYS A 173 -11.28 28.86 1.87
CA LYS A 173 -11.34 28.23 3.17
C LYS A 173 -11.16 26.72 3.07
N ILE A 174 -10.68 26.14 4.16
CA ILE A 174 -10.40 24.73 4.22
C ILE A 174 -11.55 24.06 4.96
N GLY A 175 -12.01 22.93 4.42
CA GLY A 175 -12.95 22.11 5.16
C GLY A 175 -12.48 20.68 5.08
N ASP A 176 -13.35 19.73 5.43
CA ASP A 176 -12.99 18.31 5.28
C ASP A 176 -14.23 17.52 4.88
N PHE A 177 -14.38 17.30 3.58
CA PHE A 177 -15.64 16.82 3.01
C PHE A 177 -15.73 15.31 2.80
N GLY A 178 -14.68 14.60 3.21
CA GLY A 178 -14.68 13.15 3.20
C GLY A 178 -14.11 12.56 1.92
N MET A 179 -13.93 11.24 1.91
CA MET A 179 -13.34 10.55 0.76
C MET A 179 -14.34 9.60 0.10
N ASP A 182 -16.71 11.27 -4.21
CA ASP A 182 -17.44 10.60 -5.29
C ASP A 182 -16.87 10.88 -6.70
N VAL A 183 -16.70 12.16 -7.03
CA VAL A 183 -16.07 12.53 -8.29
C VAL A 183 -14.57 12.70 -8.14
N TYR A 184 -14.09 12.53 -6.90
CA TYR A 184 -12.67 12.52 -6.61
C TYR A 184 -12.22 11.15 -6.14
N SER A 185 -13.03 10.12 -6.44
CA SER A 185 -12.72 8.76 -6.00
C SER A 185 -11.38 8.27 -6.58
N THR A 186 -11.00 8.79 -7.73
CA THR A 186 -9.72 8.42 -8.33
C THR A 186 -8.54 8.96 -7.52
N ASP A 187 -8.78 10.04 -6.78
CA ASP A 187 -7.75 10.65 -5.91
C ASP A 187 -7.52 9.84 -4.65
N TYR A 188 -8.22 8.72 -4.52
CA TYR A 188 -8.05 7.87 -3.36
C TYR A 188 -7.80 6.46 -3.84
N TYR A 189 -7.23 5.65 -2.95
CA TYR A 189 -6.81 4.32 -3.34
C TYR A 189 -7.47 3.25 -2.48
N ARG A 190 -8.09 2.27 -3.15
CA ARG A 190 -8.69 1.09 -2.52
C ARG A 190 -7.72 0.34 -1.61
N THR A 195 -9.34 0.66 3.73
CA THR A 195 -9.56 2.10 3.84
C THR A 195 -9.23 2.85 2.55
N MET A 196 -9.60 4.14 2.49
CA MET A 196 -9.31 4.99 1.33
C MET A 196 -8.21 6.02 1.60
N LEU A 197 -7.18 6.03 0.75
CA LEU A 197 -6.00 6.86 0.95
C LEU A 197 -5.73 7.84 -0.18
N PRO A 198 -5.58 9.14 0.16
CA PRO A 198 -5.19 10.19 -0.80
C PRO A 198 -3.69 10.14 -1.00
N ILE A 199 -3.22 9.00 -1.51
CA ILE A 199 -1.79 8.71 -1.61
C ILE A 199 -1.00 9.76 -2.40
N ARG A 200 -1.60 10.37 -3.42
CA ARG A 200 -0.87 11.32 -4.23
C ARG A 200 -0.54 12.60 -3.46
N TRP A 201 -1.26 12.84 -2.37
CA TRP A 201 -0.96 13.96 -1.47
C TRP A 201 -0.22 13.55 -0.19
N MET A 202 0.25 12.30 -0.13
CA MET A 202 0.92 11.80 1.07
C MET A 202 2.43 11.67 0.96
N PRO A 203 3.13 11.99 2.06
CA PRO A 203 4.57 11.78 2.18
C PRO A 203 4.84 10.30 2.45
N PRO A 204 6.09 9.87 2.22
CA PRO A 204 6.57 8.49 2.43
C PRO A 204 6.16 7.89 3.77
N GLU A 205 6.42 8.60 4.86
CA GLU A 205 6.15 8.06 6.19
C GLU A 205 4.65 7.84 6.41
N SER A 206 3.81 8.48 5.60
CA SER A 206 2.38 8.25 5.72
C SER A 206 1.95 7.08 4.86
N ILE A 207 2.50 7.00 3.66
CA ILE A 207 2.33 5.82 2.82
C ILE A 207 2.72 4.56 3.62
N MET A 208 3.93 4.55 4.16
CA MET A 208 4.48 3.36 4.80
C MET A 208 3.90 3.05 6.19
N TYR A 209 4.05 3.99 7.13
CA TYR A 209 3.69 3.70 8.51
C TYR A 209 2.35 4.30 8.94
N ARG A 210 1.62 4.87 7.99
CA ARG A 210 0.43 5.68 8.30
C ARG A 210 0.73 6.64 9.45
N LYS A 211 1.89 7.26 9.37
CA LYS A 211 2.25 8.31 10.31
C LYS A 211 1.77 9.66 9.77
N PHE A 212 0.78 10.24 10.44
CA PHE A 212 0.20 11.53 10.04
C PHE A 212 0.48 12.59 11.08
N THR A 213 1.07 13.69 10.63
CA THR A 213 1.41 14.80 11.51
C THR A 213 1.25 16.13 10.76
N THR A 214 1.48 17.24 11.44
CA THR A 214 1.58 18.54 10.77
C THR A 214 2.56 18.50 9.60
N GLU A 215 3.62 17.72 9.77
CA GLU A 215 4.63 17.56 8.73
C GLU A 215 4.10 16.82 7.51
N SER A 216 3.19 15.87 7.69
CA SER A 216 2.57 15.24 6.53
C SER A 216 1.56 16.19 5.91
N ASP A 217 0.91 17.00 6.74
CA ASP A 217 0.02 18.05 6.22
C ASP A 217 0.84 19.04 5.37
N VAL A 218 2.02 19.40 5.87
CA VAL A 218 2.91 20.25 5.11
C VAL A 218 3.22 19.63 3.75
N TRP A 219 3.46 18.32 3.72
CA TRP A 219 3.75 17.65 2.45
C TRP A 219 2.59 17.87 1.51
N SER A 220 1.40 17.56 1.99
CA SER A 220 0.18 17.78 1.20
C SER A 220 0.12 19.19 0.67
N PHE A 221 0.44 20.17 1.52
CA PHE A 221 0.34 21.56 1.10
C PHE A 221 1.21 21.84 -0.11
N GLY A 222 2.41 21.27 -0.10
CA GLY A 222 3.26 21.30 -1.27
C GLY A 222 2.52 20.85 -2.52
N VAL A 223 1.72 19.80 -2.40
CA VAL A 223 0.99 19.28 -3.55
C VAL A 223 -0.19 20.18 -3.94
N ILE A 224 -0.89 20.70 -2.95
CA ILE A 224 -1.90 21.71 -3.22
C ILE A 224 -1.31 22.85 -4.01
N LEU A 225 -0.12 23.25 -3.61
CA LEU A 225 0.65 24.26 -4.31
C LEU A 225 0.82 23.89 -5.78
N TRP A 226 1.18 22.62 -6.03
CA TRP A 226 1.31 22.11 -7.39
C TRP A 226 -0.05 22.13 -8.09
N GLU A 227 -1.09 21.69 -7.39
CA GLU A 227 -2.45 21.72 -7.93
C GLU A 227 -2.86 23.11 -8.40
N ILE A 228 -2.65 24.09 -7.53
CA ILE A 228 -3.01 25.46 -7.79
C ILE A 228 -2.33 25.93 -9.07
N PHE A 229 -1.03 25.71 -9.17
CA PHE A 229 -0.30 26.21 -10.34
C PHE A 229 -0.43 25.36 -11.60
N THR A 230 -1.26 24.33 -11.54
CA THR A 230 -1.54 23.54 -12.74
C THR A 230 -3.02 23.58 -13.05
N TYR A 231 -3.72 24.52 -12.41
CA TYR A 231 -5.17 24.63 -12.51
C TYR A 231 -5.89 23.34 -12.15
N GLY A 232 -5.46 22.71 -11.06
CA GLY A 232 -6.22 21.61 -10.47
C GLY A 232 -6.07 20.28 -11.18
N LYS A 233 -4.95 20.12 -11.86
CA LYS A 233 -4.59 18.86 -12.48
C LYS A 233 -4.30 17.83 -11.36
N GLN A 234 -4.52 16.55 -11.65
CA GLN A 234 -4.19 15.51 -10.70
C GLN A 234 -2.69 15.28 -10.69
N PRO A 235 -2.08 15.27 -9.48
CA PRO A 235 -0.66 14.90 -9.40
C PRO A 235 -0.42 13.50 -9.95
N TRP A 236 0.71 13.31 -10.64
CA TRP A 236 1.12 12.00 -11.12
C TRP A 236 0.02 11.35 -11.95
N PHE A 237 -0.67 12.14 -12.74
CA PHE A 237 -1.80 11.68 -13.53
C PHE A 237 -1.46 10.47 -14.39
N GLN A 238 -0.26 10.49 -14.98
CA GLN A 238 0.19 9.40 -15.83
C GLN A 238 0.36 8.07 -15.07
N LEU A 239 0.26 8.13 -13.75
CA LEU A 239 0.71 7.04 -12.89
C LEU A 239 -0.42 6.30 -12.19
N SER A 240 -0.30 4.98 -12.14
CA SER A 240 -1.24 4.16 -11.38
C SER A 240 -0.96 4.35 -9.90
N ASN A 241 -1.91 3.95 -9.06
CA ASN A 241 -1.78 4.11 -7.62
C ASN A 241 -0.52 3.42 -7.12
N THR A 242 -0.37 2.16 -7.53
CA THR A 242 0.78 1.36 -7.16
C THR A 242 2.10 2.05 -7.53
N GLU A 243 2.15 2.62 -8.72
CA GLU A 243 3.32 3.35 -9.19
C GLU A 243 3.58 4.64 -8.39
N VAL A 244 2.48 5.30 -8.01
CA VAL A 244 2.54 6.48 -7.14
C VAL A 244 3.19 6.09 -5.82
N ILE A 245 2.66 5.04 -5.19
CA ILE A 245 3.26 4.52 -3.96
C ILE A 245 4.75 4.26 -4.18
N GLU A 246 5.10 3.71 -5.34
CA GLU A 246 6.48 3.43 -5.68
C GLU A 246 7.27 4.73 -5.77
N CYS A 247 6.79 5.64 -6.60
CA CYS A 247 7.51 6.88 -6.86
C CYS A 247 7.66 7.79 -5.61
N ILE A 248 6.63 7.82 -4.76
CA ILE A 248 6.76 8.58 -3.53
C ILE A 248 7.83 7.97 -2.61
N THR A 249 7.79 6.66 -2.45
CA THR A 249 8.79 5.94 -1.65
C THR A 249 10.21 6.16 -2.20
N GLN A 250 10.33 6.25 -3.51
CA GLN A 250 11.64 6.42 -4.14
C GLN A 250 12.26 7.78 -3.87
N GLY A 251 11.45 8.76 -3.48
CA GLY A 251 11.94 10.10 -3.21
C GLY A 251 11.76 11.02 -4.40
N ARG A 252 10.98 10.55 -5.37
CA ARG A 252 10.72 11.36 -6.56
C ARG A 252 9.66 12.42 -6.21
N VAL A 253 9.82 13.64 -6.73
CA VAL A 253 8.83 14.69 -6.48
C VAL A 253 8.26 15.22 -7.78
N LEU A 254 7.11 15.87 -7.67
CA LEU A 254 6.47 16.53 -8.80
C LEU A 254 7.40 17.57 -9.45
N GLU A 255 7.28 17.70 -10.77
CA GLU A 255 8.03 18.69 -11.53
C GLU A 255 7.38 20.08 -11.41
N ARG A 256 8.17 21.13 -11.63
CA ARG A 256 7.66 22.50 -11.61
C ARG A 256 6.73 22.84 -12.78
N PRO A 257 5.54 23.36 -12.49
CA PRO A 257 4.61 23.79 -13.54
C PRO A 257 5.15 24.99 -14.32
N ARG A 258 4.70 25.16 -15.57
CA ARG A 258 5.19 26.24 -16.42
C ARG A 258 4.98 27.61 -15.79
N VAL A 259 3.82 27.80 -15.17
CA VAL A 259 3.51 29.13 -14.62
C VAL A 259 3.99 29.31 -13.18
N CYS A 260 4.84 28.40 -12.71
CA CYS A 260 5.31 28.46 -11.32
C CYS A 260 6.70 29.05 -11.18
N PRO A 261 6.79 30.22 -10.54
CA PRO A 261 8.10 30.88 -10.32
C PRO A 261 8.95 30.01 -9.41
N LYS A 262 10.25 29.99 -9.70
CA LYS A 262 11.15 29.08 -9.02
C LYS A 262 11.09 29.17 -7.50
N GLU A 263 10.90 30.37 -6.96
CA GLU A 263 10.79 30.51 -5.52
C GLU A 263 9.61 29.71 -4.97
N VAL A 264 8.49 29.75 -5.68
CA VAL A 264 7.31 29.01 -5.24
C VAL A 264 7.57 27.49 -5.28
N TYR A 265 8.16 27.02 -6.37
CA TYR A 265 8.60 25.62 -6.44
C TYR A 265 9.58 25.29 -5.30
N ASP A 266 10.46 26.22 -4.97
CA ASP A 266 11.37 25.99 -3.84
C ASP A 266 10.56 25.71 -2.58
N VAL A 267 9.52 26.50 -2.35
CA VAL A 267 8.60 26.23 -1.25
C VAL A 267 7.99 24.85 -1.40
N MET A 268 7.56 24.51 -2.61
CA MET A 268 7.15 23.15 -2.90
C MET A 268 8.20 22.13 -2.41
N LEU A 269 9.46 22.24 -2.84
CA LEU A 269 10.51 21.35 -2.34
C LEU A 269 10.67 21.31 -0.83
N GLY A 270 10.70 22.46 -0.14
CA GLY A 270 10.76 22.47 1.32
C GLY A 270 9.62 21.69 1.97
N CYS A 271 8.51 21.54 1.25
CA CYS A 271 7.41 20.71 1.74
C CYS A 271 7.69 19.23 1.49
N TRP A 272 8.61 18.96 0.56
CA TRP A 272 8.83 17.61 0.11
C TRP A 272 10.18 17.05 0.52
N GLN A 273 10.78 17.61 1.57
CA GLN A 273 11.97 16.96 2.12
C GLN A 273 11.61 15.54 2.57
N ARG A 274 12.51 14.60 2.30
CA ARG A 274 12.24 13.20 2.58
C ARG A 274 11.97 13.00 4.08
N GLU A 275 12.79 13.62 4.91
CA GLU A 275 12.60 13.52 6.34
C GLU A 275 11.78 14.69 6.84
N PRO A 276 10.69 14.39 7.58
CA PRO A 276 9.69 15.39 7.99
C PRO A 276 10.25 16.58 8.78
N GLN A 277 11.22 16.33 9.66
CA GLN A 277 11.76 17.40 10.51
C GLN A 277 12.60 18.36 9.69
N GLN A 278 12.90 17.97 8.46
CA GLN A 278 13.64 18.84 7.54
C GLN A 278 12.71 19.66 6.66
N ARG A 279 11.42 19.37 6.72
CA ARG A 279 10.46 20.11 5.93
C ARG A 279 10.27 21.49 6.53
N LEU A 280 10.04 22.48 5.68
CA LEU A 280 9.58 23.78 6.15
C LEU A 280 8.36 23.58 7.02
N ASN A 281 8.21 24.38 8.06
CA ASN A 281 6.97 24.33 8.79
C ASN A 281 5.99 25.33 8.19
N ILE A 282 4.71 25.13 8.48
CA ILE A 282 3.66 25.87 7.82
C ILE A 282 3.75 27.39 8.08
N LYS A 283 4.26 27.78 9.25
CA LYS A 283 4.41 29.21 9.57
C LYS A 283 5.39 29.91 8.61
N GLU A 284 6.51 29.26 8.30
CA GLU A 284 7.46 29.78 7.33
C GLU A 284 6.87 29.83 5.93
N ILE A 285 6.23 28.73 5.55
CA ILE A 285 5.59 28.65 4.23
C ILE A 285 4.61 29.80 4.06
N TYR A 286 3.73 29.98 5.04
CA TYR A 286 2.74 31.06 4.97
C TYR A 286 3.45 32.42 4.83
N LYS A 287 4.47 32.66 5.67
CA LYS A 287 5.21 33.93 5.64
C LYS A 287 5.80 34.20 4.27
N ILE A 288 6.38 33.19 3.66
CA ILE A 288 6.92 33.32 2.31
C ILE A 288 5.82 33.60 1.29
N LEU A 289 4.80 32.74 1.25
CA LEU A 289 3.73 32.90 0.27
C LEU A 289 3.00 34.22 0.46
N HIS A 290 2.69 34.55 1.73
CA HIS A 290 2.00 35.80 2.01
C HIS A 290 2.80 36.98 1.46
N ALA A 291 4.10 36.99 1.76
CA ALA A 291 4.97 38.09 1.34
C ALA A 291 5.09 38.20 -0.19
N LEU A 292 5.16 37.07 -0.88
CA LEU A 292 5.20 37.12 -2.35
C LEU A 292 3.90 37.68 -2.89
N GLY A 293 2.79 37.29 -2.29
CA GLY A 293 1.49 37.70 -2.79
C GLY A 293 1.29 39.19 -2.65
N LYS A 294 1.70 39.71 -1.50
CA LYS A 294 1.54 41.13 -1.22
C LYS A 294 2.36 41.95 -2.20
N ALA A 295 3.55 41.46 -2.54
CA ALA A 295 4.46 42.18 -3.43
C ALA A 295 4.19 41.99 -4.93
N THR A 296 3.19 41.18 -5.28
CA THR A 296 2.89 40.96 -6.70
C THR A 296 1.72 41.81 -7.19
N PRO A 297 1.98 42.62 -8.23
CA PRO A 297 0.91 43.22 -9.04
C PRO A 297 -0.08 42.16 -9.49
N GLY B 6 13.13 -31.52 -28.64
CA GLY B 6 13.05 -31.56 -27.18
C GLY B 6 14.16 -30.77 -26.48
N ILE B 7 13.87 -30.39 -25.25
CA ILE B 7 14.86 -29.77 -24.38
C ILE B 7 15.96 -30.75 -23.98
N HIS B 8 17.21 -30.32 -24.14
CA HIS B 8 18.36 -31.13 -23.76
C HIS B 8 18.71 -30.82 -22.32
N VAL B 9 18.43 -31.73 -21.39
CA VAL B 9 18.80 -31.53 -19.97
C VAL B 9 20.30 -31.67 -19.74
N GLN B 10 20.86 -30.81 -18.89
CA GLN B 10 22.28 -30.87 -18.60
C GLN B 10 22.66 -32.14 -17.81
N HIS B 11 23.63 -32.90 -18.32
CA HIS B 11 24.01 -34.14 -17.65
C HIS B 11 25.29 -33.98 -16.85
N ILE B 12 25.26 -34.44 -15.62
CA ILE B 12 26.43 -34.44 -14.77
C ILE B 12 26.87 -35.88 -14.52
N LYS B 13 28.15 -36.15 -14.73
CA LYS B 13 28.69 -37.49 -14.48
C LYS B 13 28.60 -37.81 -12.99
N ARG B 14 28.05 -38.97 -12.67
CA ARG B 14 27.93 -39.43 -11.27
C ARG B 14 29.26 -39.33 -10.54
N ARG B 15 30.34 -39.63 -11.25
CA ARG B 15 31.65 -39.59 -10.61
C ARG B 15 32.09 -38.17 -10.26
N ASP B 16 31.45 -37.16 -10.87
CA ASP B 16 31.80 -35.78 -10.57
C ASP B 16 31.12 -35.29 -9.29
N ILE B 17 30.25 -36.15 -8.76
CA ILE B 17 29.55 -35.83 -7.53
C ILE B 17 30.19 -36.61 -6.37
N VAL B 18 30.62 -35.88 -5.34
CA VAL B 18 31.10 -36.49 -4.11
C VAL B 18 30.15 -36.21 -2.96
N LEU B 19 29.40 -37.22 -2.54
CA LEU B 19 28.43 -37.04 -1.44
C LEU B 19 29.12 -36.74 -0.12
N LYS B 20 28.52 -35.84 0.66
CA LYS B 20 29.14 -35.43 1.92
C LYS B 20 28.26 -35.73 3.11
N ARG B 21 27.02 -35.25 3.09
CA ARG B 21 26.12 -35.42 4.23
C ARG B 21 24.69 -35.18 3.82
N GLU B 22 23.77 -35.49 4.73
CA GLU B 22 22.36 -35.31 4.48
C GLU B 22 21.91 -33.91 4.93
N LEU B 23 21.12 -33.25 4.09
CA LEU B 23 20.44 -32.02 4.47
C LEU B 23 18.97 -32.34 4.69
N GLY B 24 18.46 -33.29 3.91
CA GLY B 24 17.10 -33.80 4.03
C GLY B 24 16.86 -35.00 3.12
N PHE B 28 13.83 -37.98 -2.54
CA PHE B 28 13.43 -37.76 -1.16
C PHE B 28 14.62 -37.47 -0.26
N LYS B 30 15.70 -38.22 -0.49
CA LYS B 30 16.96 -37.90 0.17
C LYS B 30 17.59 -36.69 -0.52
N VAL B 31 17.95 -35.68 0.25
CA VAL B 31 18.73 -34.58 -0.29
C VAL B 31 20.09 -34.53 0.39
N PHE B 32 21.15 -34.45 -0.40
CA PHE B 32 22.51 -34.51 0.12
C PHE B 32 23.31 -33.29 -0.26
N LEU B 33 24.10 -32.81 0.69
CA LEU B 33 25.17 -31.88 0.37
C LEU B 33 26.23 -32.65 -0.37
N ALA B 34 26.77 -32.08 -1.43
CA ALA B 34 27.81 -32.75 -2.18
C ALA B 34 28.80 -31.75 -2.76
N GLU B 35 29.93 -32.26 -3.24
CA GLU B 35 30.86 -31.46 -4.01
C GLU B 35 30.68 -31.86 -5.44
N CYS B 36 30.81 -30.93 -6.35
CA CYS B 36 30.65 -31.31 -7.73
C CYS B 36 31.78 -30.75 -8.54
N TYR B 37 32.44 -31.64 -9.28
CA TYR B 37 33.59 -31.27 -10.06
C TYR B 37 33.15 -30.97 -11.49
N ASN B 38 33.96 -30.21 -12.21
CA ASN B 38 33.72 -29.91 -13.61
C ASN B 38 32.39 -29.20 -13.83
N LEU B 39 32.11 -28.21 -12.98
CA LEU B 39 30.88 -27.44 -13.05
C LEU B 39 31.21 -25.94 -13.03
N SER B 40 31.87 -25.50 -11.97
CA SER B 40 32.28 -24.10 -11.81
C SER B 40 33.40 -23.72 -12.77
N PRO B 41 33.33 -22.50 -13.34
CA PRO B 41 34.39 -21.98 -14.21
C PRO B 41 35.64 -21.64 -13.41
N THR B 42 35.44 -20.89 -12.33
CA THR B 42 36.55 -20.32 -11.56
C THR B 42 37.04 -21.18 -10.39
N LYS B 43 36.58 -22.44 -10.31
CA LYS B 43 37.11 -23.38 -9.34
C LYS B 43 36.99 -24.84 -9.82
N ASP B 44 37.63 -25.76 -9.10
CA ASP B 44 37.69 -27.15 -9.52
C ASP B 44 36.48 -27.95 -9.02
N LYS B 45 36.00 -27.59 -7.84
CA LYS B 45 34.82 -28.22 -7.26
C LYS B 45 33.97 -27.17 -6.56
N MET B 46 32.67 -27.41 -6.50
CA MET B 46 31.77 -26.50 -5.79
C MET B 46 30.73 -27.28 -5.01
N LEU B 47 30.28 -26.71 -3.89
CA LEU B 47 29.18 -27.33 -3.14
C LEU B 47 27.87 -27.31 -3.91
N VAL B 48 27.19 -28.46 -3.96
CA VAL B 48 25.85 -28.56 -4.53
C VAL B 48 24.91 -29.30 -3.59
N ALA B 49 23.63 -29.23 -3.89
CA ALA B 49 22.66 -30.10 -3.22
C ALA B 49 22.18 -31.12 -4.24
N VAL B 50 22.09 -32.37 -3.80
CA VAL B 50 21.75 -33.46 -4.71
C VAL B 50 20.49 -34.17 -4.22
N LYS B 51 19.49 -34.30 -5.09
CA LYS B 51 18.32 -35.09 -4.73
C LYS B 51 18.26 -36.37 -5.55
N ALA B 52 18.05 -37.48 -4.85
CA ALA B 52 17.90 -38.78 -5.49
C ALA B 52 16.54 -39.36 -5.13
N LEU B 53 15.95 -40.10 -6.07
CA LEU B 53 14.68 -40.75 -5.82
C LEU B 53 14.90 -42.25 -5.66
N LYS B 54 14.13 -42.89 -4.77
CA LYS B 54 14.23 -44.34 -4.60
C LYS B 54 12.94 -45.07 -4.92
N ASP B 55 12.93 -45.85 -5.99
CA ASP B 55 13.87 -45.79 -7.09
C ASP B 55 12.77 -46.07 -8.08
N PRO B 56 11.89 -45.08 -8.19
CA PRO B 56 10.46 -45.24 -7.97
C PRO B 56 9.63 -45.76 -9.12
N THR B 57 8.35 -45.44 -9.04
CA THR B 57 7.39 -45.79 -10.07
C THR B 57 7.83 -45.08 -11.31
N LEU B 58 7.68 -45.73 -12.45
CA LEU B 58 8.05 -45.09 -13.71
C LEU B 58 7.08 -43.95 -14.06
N ALA B 59 6.05 -43.77 -13.24
CA ALA B 59 5.20 -42.58 -13.31
C ALA B 59 5.93 -41.40 -12.67
N ALA B 60 6.78 -41.73 -11.71
CA ALA B 60 7.62 -40.72 -11.09
C ALA B 60 8.90 -40.56 -11.92
N ARG B 61 9.29 -41.61 -12.65
CA ARG B 61 10.42 -41.45 -13.54
C ARG B 61 10.03 -40.47 -14.62
N LYS B 62 8.83 -40.66 -15.15
CA LYS B 62 8.29 -39.82 -16.22
C LYS B 62 8.24 -38.35 -15.82
N ASP B 63 7.73 -38.05 -14.64
CA ASP B 63 7.65 -36.64 -14.26
C ASP B 63 9.00 -36.06 -13.82
N PHE B 64 9.91 -36.93 -13.41
CA PHE B 64 11.25 -36.50 -13.04
C PHE B 64 11.89 -35.86 -14.27
N GLN B 65 11.84 -36.58 -15.39
CA GLN B 65 12.46 -36.07 -16.60
C GLN B 65 11.76 -34.79 -17.02
N ARG B 66 10.45 -34.76 -16.87
CA ARG B 66 9.70 -33.60 -17.30
C ARG B 66 10.10 -32.43 -16.42
N GLU B 67 10.20 -32.67 -15.12
CA GLU B 67 10.62 -31.64 -14.18
C GLU B 67 12.02 -31.15 -14.52
N ALA B 68 12.87 -32.06 -14.98
CA ALA B 68 14.25 -31.70 -15.30
C ALA B 68 14.28 -30.77 -16.51
N GLU B 69 13.46 -31.10 -17.50
CA GLU B 69 13.37 -30.26 -18.69
C GLU B 69 12.81 -28.91 -18.32
N LEU B 70 11.78 -28.90 -17.47
CA LEU B 70 11.20 -27.68 -16.98
C LEU B 70 12.27 -26.82 -16.33
N LEU B 71 12.90 -27.37 -15.28
CA LEU B 71 13.91 -26.66 -14.53
C LEU B 71 15.12 -26.27 -15.38
N THR B 72 15.29 -26.95 -16.51
CA THR B 72 16.37 -26.60 -17.40
C THR B 72 16.15 -25.16 -17.86
N ASN B 73 14.91 -24.73 -18.00
CA ASN B 73 14.69 -23.36 -18.44
C ASN B 73 14.05 -22.44 -17.41
N LEU B 74 13.45 -23.03 -16.39
CA LEU B 74 12.82 -22.24 -15.35
C LEU B 74 13.93 -21.72 -14.43
N GLN B 75 14.62 -20.68 -14.90
CA GLN B 75 15.84 -20.17 -14.25
C GLN B 75 15.77 -18.67 -14.05
N HIS B 76 16.13 -18.21 -12.86
CA HIS B 76 16.03 -16.81 -12.52
C HIS B 76 16.81 -16.60 -11.23
N GLU B 77 17.19 -15.36 -10.97
CA GLU B 77 18.02 -15.05 -9.82
C GLU B 77 17.39 -15.56 -8.54
N HIS B 78 16.05 -15.60 -8.52
CA HIS B 78 15.38 -15.99 -7.29
C HIS B 78 14.60 -17.31 -7.35
N ILE B 79 15.01 -18.11 -8.32
CA ILE B 79 14.62 -19.51 -8.39
C ILE B 79 15.86 -20.35 -8.10
N VAL B 80 15.72 -21.29 -7.18
CA VAL B 80 16.79 -22.27 -6.91
C VAL B 80 17.38 -22.76 -8.21
N LYS B 81 18.70 -22.71 -8.30
CA LYS B 81 19.37 -23.01 -9.56
C LYS B 81 19.43 -24.53 -9.75
N PHE B 82 19.01 -24.97 -10.93
CA PHE B 82 19.06 -26.37 -11.29
C PHE B 82 20.22 -26.57 -12.25
N TYR B 83 21.19 -27.37 -11.84
CA TYR B 83 22.39 -27.60 -12.66
C TYR B 83 22.21 -28.72 -13.66
N GLY B 84 21.38 -29.69 -13.34
CA GLY B 84 21.19 -30.76 -14.28
C GLY B 84 20.93 -32.08 -13.60
N VAL B 85 20.93 -33.13 -14.39
CA VAL B 85 20.73 -34.45 -13.85
C VAL B 85 22.01 -35.23 -13.89
N CYS B 86 22.04 -36.23 -13.04
CA CYS B 86 23.27 -36.92 -12.73
C CYS B 86 23.04 -38.41 -12.93
N GLY B 89 23.98 -39.08 -13.60
CA GLY B 89 23.85 -40.51 -13.84
C GLY B 89 22.97 -40.93 -15.02
N ASP B 90 22.47 -42.17 -14.95
CA ASP B 90 21.81 -42.80 -16.08
C ASP B 90 20.68 -43.74 -15.70
N PRO B 91 20.46 -44.64 -10.23
CA PRO B 91 19.19 -44.03 -9.82
C PRO B 91 19.03 -42.58 -10.32
N LEU B 92 17.82 -42.05 -10.21
CA LEU B 92 17.51 -40.71 -10.71
C LEU B 92 18.00 -39.60 -9.79
N ILE B 93 18.92 -38.78 -10.30
CA ILE B 93 19.53 -37.74 -9.47
C ILE B 93 19.46 -36.33 -10.07
N MET B 94 18.97 -35.40 -9.26
CA MET B 94 18.95 -34.00 -9.64
C MET B 94 19.98 -33.21 -8.84
N VAL B 95 20.69 -32.33 -9.53
CA VAL B 95 21.69 -31.51 -8.89
C VAL B 95 21.29 -30.03 -8.84
N PHE B 96 21.16 -29.52 -7.62
CA PHE B 96 20.73 -28.14 -7.36
C PHE B 96 21.82 -27.34 -6.64
N GLU B 97 21.69 -26.02 -6.62
CA GLU B 97 22.65 -25.21 -5.88
C GLU B 97 22.57 -25.44 -4.38
N TYR B 98 23.64 -25.10 -3.69
CA TYR B 98 23.67 -25.22 -2.24
C TYR B 98 23.31 -23.86 -1.64
N MET B 99 22.36 -23.86 -0.71
CA MET B 99 21.92 -22.64 -0.03
C MET B 99 22.20 -22.84 1.45
N LYS B 100 23.24 -22.19 1.93
CA LYS B 100 23.83 -22.57 3.20
C LYS B 100 22.89 -22.43 4.39
N HIS B 101 21.92 -21.51 4.29
CA HIS B 101 21.05 -21.27 5.44
C HIS B 101 19.74 -22.05 5.50
N GLY B 102 19.54 -22.95 4.53
CA GLY B 102 18.49 -23.94 4.64
C GLY B 102 17.16 -23.33 4.28
N ASP B 103 16.08 -23.97 4.70
CA ASP B 103 14.79 -23.46 4.25
C ASP B 103 14.35 -22.25 5.05
N LEU B 104 13.59 -21.39 4.38
CA LEU B 104 13.23 -20.09 4.90
C LEU B 104 12.30 -20.21 6.10
N ASN B 105 11.43 -21.22 6.11
CA ASN B 105 10.53 -21.38 7.24
C ASN B 105 11.36 -21.59 8.51
N LYS B 106 12.28 -22.54 8.46
CA LYS B 106 13.11 -22.86 9.61
C LYS B 106 13.94 -21.63 10.03
N PHE B 107 14.51 -20.96 9.03
CA PHE B 107 15.32 -19.77 9.24
C PHE B 107 14.55 -18.64 9.96
N LEU B 108 13.29 -18.43 9.60
CA LEU B 108 12.48 -17.38 10.21
C LEU B 108 12.23 -17.72 11.65
N ARG B 109 11.93 -18.98 11.92
CA ARG B 109 11.63 -19.43 13.26
C ARG B 109 12.85 -19.28 14.17
N ALA B 110 14.04 -19.40 13.58
CA ALA B 110 15.28 -19.28 14.36
C ALA B 110 15.79 -17.84 14.40
N HIS B 111 14.91 -16.90 14.09
CA HIS B 111 15.26 -15.49 14.11
C HIS B 111 14.13 -14.65 14.73
N GLY B 112 13.29 -15.30 15.53
CA GLY B 112 12.16 -14.63 16.14
C GLY B 112 12.04 -14.89 17.63
N PRO B 113 11.55 -13.88 18.37
CA PRO B 113 11.47 -13.95 19.83
C PRO B 113 10.50 -15.04 20.30
N GLU B 129 15.19 -10.62 16.00
CA GLU B 129 16.49 -10.61 15.35
C GLU B 129 16.42 -10.14 13.91
N LEU B 130 15.34 -10.48 13.19
CA LEU B 130 15.16 -9.98 11.83
C LEU B 130 14.44 -8.64 11.86
N GLY B 131 15.01 -7.64 11.19
CA GLY B 131 14.39 -6.32 11.17
C GLY B 131 13.53 -6.09 9.94
N LEU B 132 12.96 -4.90 9.87
CA LEU B 132 12.06 -4.53 8.78
C LEU B 132 12.72 -4.61 7.40
N SER B 133 13.97 -4.16 7.27
CA SER B 133 14.60 -4.16 5.96
C SER B 133 14.89 -5.59 5.47
N GLN B 134 15.29 -6.45 6.40
CA GLN B 134 15.53 -7.85 6.10
C GLN B 134 14.25 -8.55 5.67
N MET B 135 13.19 -8.39 6.45
CA MET B 135 11.88 -8.97 6.11
C MET B 135 11.41 -8.51 4.74
N LEU B 136 11.46 -7.19 4.51
CA LEU B 136 11.14 -6.63 3.20
C LEU B 136 12.03 -7.22 2.11
N HIS B 137 13.31 -7.41 2.43
CA HIS B 137 14.26 -7.94 1.46
C HIS B 137 13.96 -9.41 1.17
N ILE B 138 13.56 -10.14 2.20
CA ILE B 138 13.14 -11.51 2.01
C ILE B 138 11.89 -11.52 1.14
N ALA B 139 10.92 -10.71 1.55
CA ALA B 139 9.64 -10.61 0.86
C ALA B 139 9.81 -10.25 -0.60
N SER B 140 10.64 -9.25 -0.85
CA SER B 140 10.82 -8.71 -2.18
C SER B 140 11.39 -9.76 -3.15
N GLN B 141 12.43 -10.46 -2.71
CA GLN B 141 13.09 -11.46 -3.54
C GLN B 141 12.13 -12.55 -4.00
N ILE B 142 11.36 -13.06 -3.05
CA ILE B 142 10.35 -14.05 -3.36
C ILE B 142 9.42 -13.50 -4.45
N ALA B 143 8.90 -12.29 -4.22
CA ALA B 143 8.01 -11.67 -5.20
C ALA B 143 8.69 -11.61 -6.56
N SER B 144 9.96 -11.26 -6.56
CA SER B 144 10.76 -11.21 -7.79
C SER B 144 10.77 -12.56 -8.50
N GLY B 145 11.03 -13.62 -7.74
CA GLY B 145 10.95 -14.97 -8.27
C GLY B 145 9.56 -15.23 -8.80
N MET B 146 8.54 -14.73 -8.09
CA MET B 146 7.15 -14.97 -8.53
C MET B 146 6.83 -14.22 -9.81
N VAL B 147 7.31 -12.99 -9.94
CA VAL B 147 7.16 -12.28 -11.21
C VAL B 147 7.77 -13.14 -12.31
N TYR B 148 8.95 -13.71 -12.05
CA TYR B 148 9.58 -14.51 -13.09
C TYR B 148 8.71 -15.71 -13.42
N LEU B 149 8.17 -16.34 -12.38
CA LEU B 149 7.30 -17.50 -12.59
C LEU B 149 6.05 -17.12 -13.39
N ALA B 150 5.42 -16.01 -13.04
CA ALA B 150 4.28 -15.53 -13.81
C ALA B 150 4.63 -15.23 -15.25
N SER B 151 5.82 -14.68 -15.51
CA SER B 151 6.22 -14.36 -16.87
C SER B 151 6.33 -15.64 -17.70
N GLN B 152 6.58 -16.74 -17.00
CA GLN B 152 6.72 -18.05 -17.62
C GLN B 152 5.43 -18.85 -17.58
N HIS B 153 4.34 -18.19 -17.18
CA HIS B 153 3.05 -18.82 -17.11
C HIS B 153 3.11 -20.06 -16.23
N PHE B 154 3.96 -20.01 -15.21
CA PHE B 154 4.06 -21.12 -14.30
C PHE B 154 3.23 -20.88 -13.06
N VAL B 155 2.37 -21.84 -12.75
CA VAL B 155 1.56 -21.79 -11.52
C VAL B 155 2.16 -22.80 -10.55
N HIS B 156 2.49 -22.33 -9.35
CA HIS B 156 3.30 -23.10 -8.41
C HIS B 156 2.43 -23.95 -7.49
N ARG B 157 1.34 -23.35 -7.01
CA ARG B 157 0.31 -24.05 -6.24
C ARG B 157 0.74 -24.36 -4.80
N ASP B 158 2.03 -24.28 -4.49
CA ASP B 158 2.47 -24.55 -3.12
C ASP B 158 3.44 -23.49 -2.57
N LEU B 159 3.18 -22.24 -2.91
CA LEU B 159 4.07 -21.17 -2.44
C LEU B 159 3.95 -20.95 -0.95
N ALA B 160 5.09 -21.05 -0.25
CA ALA B 160 5.17 -20.89 1.21
C ALA B 160 6.64 -20.85 1.60
N THR B 161 6.94 -20.30 2.78
CA THR B 161 8.35 -20.15 3.17
C THR B 161 9.08 -21.49 3.30
N ARG B 162 8.35 -22.53 3.68
CA ARG B 162 8.92 -23.88 3.70
C ARG B 162 9.46 -24.30 2.34
N ASN B 163 8.96 -23.72 1.25
CA ASN B 163 9.52 -24.02 -0.07
C ASN B 163 10.50 -22.97 -0.56
N CYS B 164 11.03 -22.16 0.35
CA CYS B 164 12.10 -21.26 -0.06
C CYS B 164 13.38 -21.62 0.66
N LEU B 165 14.51 -21.24 0.05
CA LEU B 165 15.82 -21.48 0.64
C LEU B 165 16.57 -20.16 0.79
N VAL B 166 17.40 -20.12 1.82
CA VAL B 166 18.15 -18.94 2.15
C VAL B 166 19.63 -19.24 1.98
N GLY B 167 20.33 -18.36 1.27
CA GLY B 167 21.77 -18.48 1.12
C GLY B 167 22.49 -17.45 1.97
N ALA B 168 23.71 -17.11 1.55
CA ALA B 168 24.49 -16.08 2.21
C ALA B 168 23.82 -14.73 2.05
N ASN B 169 24.06 -13.82 2.99
CA ASN B 169 23.55 -12.45 2.87
C ASN B 169 22.05 -12.38 2.60
N LEU B 170 21.31 -13.25 3.25
CA LEU B 170 19.86 -13.25 3.16
C LEU B 170 19.36 -13.35 1.73
N LEU B 171 20.14 -13.99 0.86
CA LEU B 171 19.70 -14.34 -0.48
C LEU B 171 18.60 -15.40 -0.37
N VAL B 172 17.45 -15.13 -1.00
CA VAL B 172 16.31 -16.02 -0.90
C VAL B 172 15.88 -16.52 -2.27
N LYS B 173 15.57 -17.81 -2.35
CA LYS B 173 15.10 -18.38 -3.60
C LYS B 173 13.95 -19.36 -3.35
N ILE B 174 13.13 -19.50 -4.38
CA ILE B 174 11.97 -20.37 -4.37
C ILE B 174 12.30 -21.69 -5.02
N GLY B 175 11.82 -22.76 -4.41
CA GLY B 175 11.85 -24.06 -5.06
C GLY B 175 10.51 -24.73 -4.86
N ASP B 176 10.43 -26.02 -5.21
CA ASP B 176 9.23 -26.78 -4.92
C ASP B 176 9.61 -28.16 -4.43
N PHE B 177 9.59 -28.35 -3.12
CA PHE B 177 10.23 -29.51 -2.50
C PHE B 177 9.24 -30.63 -2.18
N GLY B 178 8.04 -30.54 -2.73
CA GLY B 178 7.03 -31.57 -2.52
C GLY B 178 6.41 -31.52 -1.13
N MET B 179 5.38 -32.32 -0.90
CA MET B 179 4.62 -32.23 0.35
C MET B 179 5.15 -33.21 1.41
N ASP B 182 7.44 -34.07 5.43
CA ASP B 182 7.36 -34.34 6.87
C ASP B 182 7.68 -33.13 7.77
N VAL B 183 7.07 -33.09 8.95
CA VAL B 183 7.17 -31.96 9.89
C VAL B 183 6.56 -30.64 9.37
N TYR B 184 6.49 -30.50 8.05
CA TYR B 184 5.56 -29.57 7.43
C TYR B 184 4.26 -30.31 7.07
N SER B 185 4.16 -31.57 7.49
CA SER B 185 2.98 -32.41 7.24
C SER B 185 1.69 -31.78 7.77
N THR B 186 1.81 -31.07 8.89
CA THR B 186 0.73 -30.28 9.48
C THR B 186 0.17 -29.21 8.54
N ASP B 187 1.02 -28.75 7.62
CA ASP B 187 0.66 -27.69 6.69
C ASP B 187 -0.15 -28.18 5.51
N TYR B 188 -0.50 -29.47 5.51
CA TYR B 188 -1.35 -29.99 4.46
C TYR B 188 -2.55 -30.74 5.06
N TYR B 189 -3.63 -30.78 4.28
CA TYR B 189 -4.80 -31.59 4.60
C TYR B 189 -4.81 -32.80 3.66
N ARG B 190 -5.31 -33.94 4.14
CA ARG B 190 -5.43 -35.14 3.30
C ARG B 190 -6.80 -35.24 2.64
N THR B 195 -4.06 -34.70 -3.56
CA THR B 195 -4.40 -35.47 -2.37
C THR B 195 -3.86 -34.83 -1.09
N MET B 196 -2.73 -34.13 -1.21
CA MET B 196 -2.28 -33.27 -0.11
C MET B 196 -2.39 -31.78 -0.49
N LEU B 197 -3.07 -31.01 0.36
CA LEU B 197 -3.38 -29.62 0.04
C LEU B 197 -2.91 -28.64 1.10
N PRO B 198 -2.09 -27.64 0.70
CA PRO B 198 -1.62 -26.56 1.60
C PRO B 198 -2.73 -25.55 1.73
N ILE B 199 -3.85 -25.97 2.32
CA ILE B 199 -5.06 -25.18 2.30
C ILE B 199 -4.90 -23.84 2.98
N ARG B 200 -3.97 -23.74 3.94
CA ARG B 200 -3.81 -22.50 4.67
C ARG B 200 -3.20 -21.42 3.78
N TRP B 201 -2.60 -21.85 2.67
CA TRP B 201 -2.00 -20.93 1.72
C TRP B 201 -2.85 -20.69 0.47
N MET B 202 -4.03 -21.33 0.43
CA MET B 202 -4.86 -21.33 -0.78
C MET B 202 -6.05 -20.39 -0.66
N PRO B 203 -6.48 -19.81 -1.81
CA PRO B 203 -7.66 -18.93 -1.89
C PRO B 203 -8.92 -19.79 -2.04
N PRO B 204 -10.10 -19.16 -1.85
CA PRO B 204 -11.42 -19.82 -1.93
C PRO B 204 -11.59 -20.66 -3.20
N GLU B 205 -11.37 -20.05 -4.36
CA GLU B 205 -11.56 -20.74 -5.63
C GLU B 205 -10.70 -21.99 -5.77
N SER B 206 -9.55 -22.01 -5.10
CA SER B 206 -8.67 -23.18 -5.17
C SER B 206 -9.18 -24.28 -4.26
N ILE B 207 -9.61 -23.88 -3.07
CA ILE B 207 -10.19 -24.80 -2.12
C ILE B 207 -11.45 -25.50 -2.67
N MET B 208 -12.32 -24.73 -3.31
CA MET B 208 -13.56 -25.28 -3.88
C MET B 208 -13.36 -26.00 -5.21
N TYR B 209 -12.76 -25.31 -6.17
CA TYR B 209 -12.72 -25.85 -7.54
C TYR B 209 -11.37 -26.33 -7.98
N ARG B 210 -10.37 -26.26 -7.09
CA ARG B 210 -8.98 -26.49 -7.47
C ARG B 210 -8.63 -25.71 -8.74
N LYS B 211 -9.18 -24.49 -8.82
CA LYS B 211 -8.74 -23.52 -9.79
C LYS B 211 -7.42 -22.92 -9.29
N PHE B 212 -6.32 -23.28 -9.94
CA PHE B 212 -4.99 -22.73 -9.59
C PHE B 212 -4.46 -21.83 -10.69
N THR B 213 -4.10 -20.61 -10.32
CA THR B 213 -3.63 -19.61 -11.28
C THR B 213 -2.54 -18.71 -10.69
N THR B 214 -1.96 -17.84 -11.50
CA THR B 214 -1.07 -16.81 -10.98
C THR B 214 -1.75 -16.06 -9.82
N GLU B 215 -3.07 -15.90 -9.94
CA GLU B 215 -3.89 -15.24 -8.93
C GLU B 215 -3.99 -16.02 -7.61
N SER B 216 -4.06 -17.35 -7.68
CA SER B 216 -3.99 -18.17 -6.46
C SER B 216 -2.56 -18.17 -5.89
N ASP B 217 -1.56 -18.13 -6.76
CA ASP B 217 -0.17 -17.99 -6.30
C ASP B 217 -0.02 -16.67 -5.58
N VAL B 218 -0.62 -15.63 -6.15
CA VAL B 218 -0.61 -14.34 -5.50
C VAL B 218 -1.24 -14.43 -4.12
N TRP B 219 -2.35 -15.16 -4.01
CA TRP B 219 -2.97 -15.36 -2.71
C TRP B 219 -1.96 -15.96 -1.72
N SER B 220 -1.26 -17.02 -2.13
CA SER B 220 -0.25 -17.64 -1.26
C SER B 220 0.84 -16.66 -0.88
N PHE B 221 1.25 -15.81 -1.84
CA PHE B 221 2.25 -14.81 -1.50
C PHE B 221 1.85 -13.93 -0.32
N GLY B 222 0.62 -13.44 -0.35
CA GLY B 222 0.06 -12.74 0.79
C GLY B 222 0.31 -13.50 2.09
N VAL B 223 0.02 -14.80 2.11
CA VAL B 223 0.30 -15.61 3.30
C VAL B 223 1.79 -15.69 3.61
N ILE B 224 2.61 -15.85 2.57
CA ILE B 224 4.06 -15.83 2.74
C ILE B 224 4.48 -14.55 3.49
N LEU B 225 3.92 -13.42 3.07
CA LEU B 225 4.16 -12.17 3.79
C LEU B 225 3.80 -12.29 5.25
N TRP B 226 2.65 -12.87 5.53
CA TRP B 226 2.23 -13.08 6.92
C TRP B 226 3.24 -13.97 7.66
N GLU B 227 3.77 -14.98 6.98
CA GLU B 227 4.76 -15.87 7.59
C GLU B 227 6.02 -15.11 7.96
N ILE B 228 6.48 -14.28 7.04
CA ILE B 228 7.71 -13.53 7.24
C ILE B 228 7.52 -12.65 8.46
N PHE B 229 6.45 -11.86 8.46
CA PHE B 229 6.26 -10.89 9.54
C PHE B 229 5.82 -11.48 10.87
N THR B 230 5.73 -12.80 10.92
CA THR B 230 5.44 -13.48 12.18
C THR B 230 6.56 -14.47 12.49
N TYR B 231 7.69 -14.29 11.82
CA TYR B 231 8.83 -15.20 11.99
C TYR B 231 8.45 -16.67 11.77
N GLY B 232 7.62 -16.91 10.75
CA GLY B 232 7.33 -18.27 10.31
C GLY B 232 6.35 -19.08 11.13
N LYS B 233 5.37 -18.43 11.75
CA LYS B 233 4.28 -19.17 12.37
C LYS B 233 3.35 -19.76 11.32
N GLN B 234 2.64 -20.81 11.69
CA GLN B 234 1.62 -21.37 10.83
C GLN B 234 0.39 -20.46 10.87
N PRO B 235 -0.10 -20.06 9.69
CA PRO B 235 -1.36 -19.30 9.61
C PRO B 235 -2.52 -20.08 10.23
N TRP B 236 -3.41 -19.39 10.92
CA TRP B 236 -4.63 -20.00 11.47
C TRP B 236 -4.29 -21.17 12.39
N PHE B 237 -3.18 -21.03 13.08
CA PHE B 237 -2.66 -22.11 13.91
C PHE B 237 -3.68 -22.66 14.92
N GLN B 238 -4.56 -21.81 15.41
CA GLN B 238 -5.56 -22.24 16.37
C GLN B 238 -6.63 -23.12 15.71
N LEU B 239 -6.75 -23.00 14.39
CA LEU B 239 -7.87 -23.60 13.66
C LEU B 239 -7.53 -24.99 13.12
N SER B 240 -8.51 -25.88 13.13
CA SER B 240 -8.34 -27.20 12.53
C SER B 240 -8.50 -27.04 11.02
N ASN B 241 -8.06 -28.05 10.27
CA ASN B 241 -8.13 -28.01 8.80
C ASN B 241 -9.53 -27.72 8.33
N THR B 242 -10.49 -28.40 8.94
CA THR B 242 -11.89 -28.21 8.63
C THR B 242 -12.29 -26.75 8.88
N GLU B 243 -11.82 -26.20 9.98
CA GLU B 243 -12.12 -24.81 10.31
C GLU B 243 -11.41 -23.80 9.41
N VAL B 244 -10.26 -24.19 8.86
CA VAL B 244 -9.57 -23.33 7.90
C VAL B 244 -10.39 -23.22 6.63
N ILE B 245 -10.78 -24.37 6.09
CA ILE B 245 -11.60 -24.40 4.88
C ILE B 245 -12.84 -23.53 5.06
N GLU B 246 -13.43 -23.58 6.25
CA GLU B 246 -14.60 -22.76 6.55
C GLU B 246 -14.29 -21.27 6.53
N CYS B 247 -13.24 -20.86 7.25
CA CYS B 247 -12.97 -19.43 7.40
C CYS B 247 -12.41 -18.79 6.11
N ILE B 248 -11.73 -19.60 5.29
CA ILE B 248 -11.30 -19.10 3.98
C ILE B 248 -12.53 -18.85 3.11
N THR B 249 -13.42 -19.84 3.06
CA THR B 249 -14.67 -19.74 2.30
C THR B 249 -15.52 -18.56 2.77
N GLN B 250 -15.50 -18.30 4.08
CA GLN B 250 -16.29 -17.22 4.67
C GLN B 250 -15.82 -15.85 4.21
N GLY B 251 -14.53 -15.75 3.88
CA GLY B 251 -13.95 -14.47 3.50
C GLY B 251 -13.13 -13.88 4.63
N ARG B 252 -12.84 -14.69 5.64
CA ARG B 252 -11.97 -14.22 6.71
C ARG B 252 -10.52 -14.14 6.21
N VAL B 253 -9.75 -13.21 6.76
CA VAL B 253 -8.33 -13.12 6.43
C VAL B 253 -7.50 -13.07 7.69
N LEU B 254 -6.23 -13.39 7.55
CA LEU B 254 -5.27 -13.29 8.64
C LEU B 254 -5.15 -11.86 9.24
N GLU B 255 -4.82 -11.79 10.54
CA GLU B 255 -4.56 -10.52 11.25
C GLU B 255 -3.27 -9.86 10.79
N ARG B 256 -3.20 -8.53 10.90
CA ARG B 256 -1.94 -7.80 10.77
C ARG B 256 -0.97 -8.19 11.88
N PRO B 257 0.22 -8.73 11.53
CA PRO B 257 1.22 -9.03 12.56
C PRO B 257 1.65 -7.77 13.30
N ARG B 258 2.13 -7.95 14.53
CA ARG B 258 2.55 -6.85 15.37
C ARG B 258 3.58 -5.98 14.69
N VAL B 259 4.61 -6.63 14.13
CA VAL B 259 5.72 -5.88 13.54
C VAL B 259 5.48 -5.56 12.07
N CYS B 260 4.25 -5.75 11.60
CA CYS B 260 3.95 -5.52 10.19
C CYS B 260 3.39 -4.13 9.91
N PRO B 261 4.16 -3.27 9.22
CA PRO B 261 3.68 -1.93 8.91
C PRO B 261 2.44 -2.00 8.05
N LYS B 262 1.55 -1.04 8.22
CA LYS B 262 0.24 -1.08 7.60
C LYS B 262 0.27 -1.13 6.07
N GLU B 263 1.25 -0.49 5.44
CA GLU B 263 1.33 -0.55 3.97
C GLU B 263 1.58 -1.99 3.51
N VAL B 264 2.44 -2.69 4.23
CA VAL B 264 2.74 -4.08 3.93
C VAL B 264 1.48 -4.95 4.09
N TYR B 265 0.75 -4.74 5.18
CA TYR B 265 -0.52 -5.46 5.37
C TYR B 265 -1.54 -5.14 4.26
N ASP B 266 -1.52 -3.91 3.77
CA ASP B 266 -2.34 -3.57 2.61
C ASP B 266 -1.99 -4.41 1.40
N VAL B 267 -0.70 -4.63 1.18
CA VAL B 267 -0.25 -5.52 0.13
C VAL B 267 -0.80 -6.93 0.41
N MET B 268 -0.76 -7.35 1.69
CA MET B 268 -1.37 -8.60 2.08
C MET B 268 -2.85 -8.63 1.67
N LEU B 269 -3.61 -7.66 2.13
CA LEU B 269 -5.03 -7.61 1.80
C LEU B 269 -5.28 -7.61 0.28
N GLY B 270 -4.45 -6.89 -0.47
CA GLY B 270 -4.61 -6.85 -1.91
C GLY B 270 -4.35 -8.21 -2.52
N CYS B 271 -3.68 -9.09 -1.78
CA CYS B 271 -3.41 -10.45 -2.25
C CYS B 271 -4.63 -11.31 -1.98
N TRP B 272 -5.48 -10.83 -1.08
CA TRP B 272 -6.57 -11.65 -0.56
C TRP B 272 -7.93 -11.12 -0.98
N GLN B 273 -7.96 -10.29 -2.02
CA GLN B 273 -9.25 -9.96 -2.63
C GLN B 273 -9.93 -11.25 -3.08
N ARG B 274 -11.19 -11.42 -2.72
CA ARG B 274 -11.90 -12.69 -2.91
C ARG B 274 -12.04 -13.05 -4.37
N GLU B 275 -12.27 -12.05 -5.21
CA GLU B 275 -12.31 -12.29 -6.64
C GLU B 275 -10.90 -12.18 -7.18
N PRO B 276 -10.43 -13.24 -7.87
CA PRO B 276 -9.03 -13.31 -8.30
C PRO B 276 -8.61 -12.10 -9.12
N GLN B 277 -9.49 -11.62 -9.99
CA GLN B 277 -9.15 -10.54 -10.91
C GLN B 277 -9.01 -9.23 -10.18
N GLN B 278 -9.53 -9.17 -8.97
CA GLN B 278 -9.41 -7.97 -8.15
C GLN B 278 -8.15 -7.96 -7.27
N ARG B 279 -7.39 -9.05 -7.29
CA ARG B 279 -6.16 -9.13 -6.50
C ARG B 279 -5.06 -8.35 -7.16
N LEU B 280 -4.16 -7.80 -6.37
CA LEU B 280 -2.94 -7.23 -6.94
C LEU B 280 -2.24 -8.27 -7.78
N ASN B 281 -1.71 -7.89 -8.93
CA ASN B 281 -0.85 -8.83 -9.64
C ASN B 281 0.55 -8.75 -9.07
N ILE B 282 1.34 -9.79 -9.33
CA ILE B 282 2.62 -9.95 -8.67
C ILE B 282 3.61 -8.83 -9.05
N LYS B 283 3.55 -8.36 -10.29
CA LYS B 283 4.45 -7.29 -10.71
C LYS B 283 4.24 -6.02 -9.85
N GLU B 284 2.98 -5.69 -9.58
CA GLU B 284 2.67 -4.61 -8.65
C GLU B 284 3.18 -4.90 -7.25
N ILE B 285 2.94 -6.13 -6.78
CA ILE B 285 3.36 -6.50 -5.44
C ILE B 285 4.86 -6.35 -5.27
N TYR B 286 5.60 -6.90 -6.23
CA TYR B 286 7.05 -6.72 -6.27
C TYR B 286 7.44 -5.24 -6.28
N LYS B 287 6.81 -4.47 -7.17
CA LYS B 287 7.13 -3.07 -7.39
C LYS B 287 7.05 -2.31 -6.07
N ILE B 288 5.98 -2.56 -5.32
CA ILE B 288 5.78 -1.93 -4.02
C ILE B 288 6.77 -2.40 -2.97
N LEU B 289 6.87 -3.71 -2.79
CA LEU B 289 7.76 -4.27 -1.77
C LEU B 289 9.22 -3.87 -1.98
N HIS B 290 9.68 -3.99 -3.22
CA HIS B 290 11.04 -3.61 -3.57
C HIS B 290 11.31 -2.17 -3.19
N ALA B 291 10.41 -1.28 -3.57
CA ALA B 291 10.56 0.13 -3.25
C ALA B 291 10.63 0.35 -1.73
N LEU B 292 9.72 -0.28 -0.98
CA LEU B 292 9.73 -0.12 0.49
C LEU B 292 11.07 -0.53 1.11
N GLY B 293 11.60 -1.67 0.68
CA GLY B 293 12.85 -2.17 1.24
C GLY B 293 14.05 -1.31 0.91
N LYS B 294 14.10 -0.85 -0.33
CA LYS B 294 15.14 0.07 -0.78
C LYS B 294 15.12 1.36 0.03
N ALA B 295 13.94 1.78 0.45
CA ALA B 295 13.78 3.02 1.22
C ALA B 295 13.86 2.78 2.73
N THR B 296 14.05 1.53 3.13
CA THR B 296 14.09 1.23 4.55
C THR B 296 15.51 0.94 5.06
N PRO B 297 15.91 1.64 6.14
CA PRO B 297 17.20 1.47 6.81
C PRO B 297 17.47 0.03 7.24
#